data_2ONV
# 
_entry.id   2ONV 
# 
_audit_conform.dict_name       mmcif_pdbx.dic 
_audit_conform.dict_version    5.389 
_audit_conform.dict_location   http://mmcif.pdb.org/dictionaries/ascii/mmcif_pdbx.dic 
# 
loop_
_database_2.database_id 
_database_2.database_code 
_database_2.pdbx_database_accession 
_database_2.pdbx_DOI 
PDB   2ONV         pdb_00002onv 10.2210/pdb2onv/pdb 
RCSB  RCSB041367   ?            ?                   
WWPDB D_1000041367 ?            ?                   
# 
loop_
_pdbx_audit_revision_history.ordinal 
_pdbx_audit_revision_history.data_content_type 
_pdbx_audit_revision_history.major_revision 
_pdbx_audit_revision_history.minor_revision 
_pdbx_audit_revision_history.revision_date 
1 'Structure model' 1 0 2007-02-06 
2 'Structure model' 1 1 2008-05-01 
3 'Structure model' 1 2 2011-07-13 
4 'Structure model' 1 3 2017-10-18 
5 'Structure model' 1 4 2023-12-27 
6 'Structure model' 1 5 2024-04-03 
# 
_pdbx_audit_revision_details.ordinal             1 
_pdbx_audit_revision_details.revision_ordinal    1 
_pdbx_audit_revision_details.data_content_type   'Structure model' 
_pdbx_audit_revision_details.provider            repository 
_pdbx_audit_revision_details.type                'Initial release' 
_pdbx_audit_revision_details.description         ? 
_pdbx_audit_revision_details.details             ? 
# 
loop_
_pdbx_audit_revision_group.ordinal 
_pdbx_audit_revision_group.revision_ordinal 
_pdbx_audit_revision_group.data_content_type 
_pdbx_audit_revision_group.group 
1 2 'Structure model' 'Version format compliance' 
2 3 'Structure model' 'Version format compliance' 
3 4 'Structure model' 'Refinement description'    
4 5 'Structure model' 'Data collection'           
5 5 'Structure model' 'Database references'       
6 6 'Structure model' 'Refinement description'    
# 
loop_
_pdbx_audit_revision_category.ordinal 
_pdbx_audit_revision_category.revision_ordinal 
_pdbx_audit_revision_category.data_content_type 
_pdbx_audit_revision_category.category 
1 4 'Structure model' software                      
2 5 'Structure model' chem_comp_atom                
3 5 'Structure model' chem_comp_bond                
4 5 'Structure model' database_2                    
5 6 'Structure model' pdbx_initial_refinement_model 
# 
loop_
_pdbx_audit_revision_item.ordinal 
_pdbx_audit_revision_item.revision_ordinal 
_pdbx_audit_revision_item.data_content_type 
_pdbx_audit_revision_item.item 
1 5 'Structure model' '_database_2.pdbx_DOI'                
2 5 'Structure model' '_database_2.pdbx_database_accession' 
# 
_pdbx_database_status.entry_id                        2ONV 
_pdbx_database_status.deposit_site                    RCSB 
_pdbx_database_status.process_site                    RCSB 
_pdbx_database_status.recvd_initial_deposition_date   2007-01-24 
_pdbx_database_status.status_code                     REL 
_pdbx_database_status.status_code_sf                  REL 
_pdbx_database_status.status_code_mr                  ? 
_pdbx_database_status.SG_entry                        ? 
_pdbx_database_status.pdb_format_compatible           Y 
_pdbx_database_status.status_code_cs                  ? 
_pdbx_database_status.methods_development_category    ? 
_pdbx_database_status.status_code_nmr_data            ? 
# 
loop_
_audit_author.name 
_audit_author.pdbx_ordinal 
'Sambashivan, S.' 1 
'Sawaya, M.R.'    2 
'Eisenberg, D.'   3 
# 
_citation.id                        primary 
_citation.title                     'Atomic structures of amyloid cross-beta spines reveal varied steric zippers.' 
_citation.journal_abbrev            Nature 
_citation.journal_volume            447 
_citation.page_first                453 
_citation.page_last                 457 
_citation.year                      2007 
_citation.journal_id_ASTM           NATUAS 
_citation.country                   UK 
_citation.journal_id_ISSN           0028-0836 
_citation.journal_id_CSD            0006 
_citation.book_publisher            ? 
_citation.pdbx_database_id_PubMed   17468747 
_citation.pdbx_database_id_DOI      10.1038/nature05695 
# 
loop_
_citation_author.citation_id 
_citation_author.name 
_citation_author.ordinal 
_citation_author.identifier_ORCID 
primary 'Sawaya, M.R.'    1  ? 
primary 'Sambashivan, S.' 2  ? 
primary 'Nelson, R.'      3  ? 
primary 'Ivanova, M.I.'   4  ? 
primary 'Sievers, S.A.'   5  ? 
primary 'Apostol, M.I.'   6  ? 
primary 'Thompson, M.J.'  7  ? 
primary 'Balbirnie, M.'   8  ? 
primary 'Wiltzius, J.J.'  9  ? 
primary 'McFarlane, H.T.' 10 ? 
primary 'Madsen, A.O.'    11 ? 
primary 'Riekel, C.'      12 ? 
primary 'Eisenberg, D.'   13 ? 
# 
loop_
_entity.id 
_entity.type 
_entity.src_method 
_entity.pdbx_description 
_entity.formula_weight 
_entity.pdbx_number_of_molecules 
_entity.pdbx_ec 
_entity.pdbx_mutation 
_entity.pdbx_fragment 
_entity.details 
1 polymer syn 
;amyloid-fibril forming peptide GGVVIA derived from the Alzheimer's amyloid Abeta
;
514.616 1 ? ? 'residues 37-42' ? 
2 water   nat water                                                                              18.015  3 ? ? ?                ? 
# 
_entity_poly.entity_id                      1 
_entity_poly.type                           'polypeptide(L)' 
_entity_poly.nstd_linkage                   no 
_entity_poly.nstd_monomer                   no 
_entity_poly.pdbx_seq_one_letter_code       GGVVIA 
_entity_poly.pdbx_seq_one_letter_code_can   GGVVIA 
_entity_poly.pdbx_strand_id                 A 
_entity_poly.pdbx_target_identifier         ? 
# 
_pdbx_entity_nonpoly.entity_id   2 
_pdbx_entity_nonpoly.name        water 
_pdbx_entity_nonpoly.comp_id     HOH 
# 
loop_
_entity_poly_seq.entity_id 
_entity_poly_seq.num 
_entity_poly_seq.mon_id 
_entity_poly_seq.hetero 
1 1 GLY n 
1 2 GLY n 
1 3 VAL n 
1 4 VAL n 
1 5 ILE n 
1 6 ALA n 
# 
_pdbx_entity_src_syn.entity_id              1 
_pdbx_entity_src_syn.pdbx_src_id            1 
_pdbx_entity_src_syn.pdbx_alt_source_flag   sample 
_pdbx_entity_src_syn.pdbx_beg_seq_num       ? 
_pdbx_entity_src_syn.pdbx_end_seq_num       ? 
_pdbx_entity_src_syn.organism_scientific    ? 
_pdbx_entity_src_syn.organism_common_name   ? 
_pdbx_entity_src_syn.ncbi_taxonomy_id       ? 
_pdbx_entity_src_syn.details                'Peptide was commercially synthesized by CSBio.' 
# 
loop_
_chem_comp.id 
_chem_comp.type 
_chem_comp.mon_nstd_flag 
_chem_comp.name 
_chem_comp.pdbx_synonyms 
_chem_comp.formula 
_chem_comp.formula_weight 
ALA 'L-peptide linking' y ALANINE    ? 'C3 H7 N O2'  89.093  
GLY 'peptide linking'   y GLYCINE    ? 'C2 H5 N O2'  75.067  
HOH non-polymer         . WATER      ? 'H2 O'        18.015  
ILE 'L-peptide linking' y ISOLEUCINE ? 'C6 H13 N O2' 131.173 
VAL 'L-peptide linking' y VALINE     ? 'C5 H11 N O2' 117.146 
# 
loop_
_pdbx_poly_seq_scheme.asym_id 
_pdbx_poly_seq_scheme.entity_id 
_pdbx_poly_seq_scheme.seq_id 
_pdbx_poly_seq_scheme.mon_id 
_pdbx_poly_seq_scheme.ndb_seq_num 
_pdbx_poly_seq_scheme.pdb_seq_num 
_pdbx_poly_seq_scheme.auth_seq_num 
_pdbx_poly_seq_scheme.pdb_mon_id 
_pdbx_poly_seq_scheme.auth_mon_id 
_pdbx_poly_seq_scheme.pdb_strand_id 
_pdbx_poly_seq_scheme.pdb_ins_code 
_pdbx_poly_seq_scheme.hetero 
A 1 1 GLY 1 1 1 GLY GLY A . n 
A 1 2 GLY 2 2 2 GLY GLY A . n 
A 1 3 VAL 3 3 3 VAL VAL A . n 
A 1 4 VAL 4 4 4 VAL VAL A . n 
A 1 5 ILE 5 5 5 ILE ILE A . n 
A 1 6 ALA 6 6 6 ALA ALA A . n 
# 
loop_
_pdbx_nonpoly_scheme.asym_id 
_pdbx_nonpoly_scheme.entity_id 
_pdbx_nonpoly_scheme.mon_id 
_pdbx_nonpoly_scheme.ndb_seq_num 
_pdbx_nonpoly_scheme.pdb_seq_num 
_pdbx_nonpoly_scheme.auth_seq_num 
_pdbx_nonpoly_scheme.pdb_mon_id 
_pdbx_nonpoly_scheme.auth_mon_id 
_pdbx_nonpoly_scheme.pdb_strand_id 
_pdbx_nonpoly_scheme.pdb_ins_code 
B 2 HOH 1 10 10 HOH HOH A . 
B 2 HOH 2 11 11 HOH HOH A . 
B 2 HOH 3 12 12 HOH HOH A . 
# 
loop_
_software.name 
_software.version 
_software.date 
_software.type 
_software.contact_author 
_software.contact_author_email 
_software.classification 
_software.location 
_software.language 
_software.citation_id 
_software.pdbx_ordinal 
DENZO       .     ?                package 'Zbyszek Otwinowski' zbyszek@mix.swmed.edu       'data reduction'  
http://www.lnls.br/infra/linhasluz/denzo-hkl.htm ?          ? 1 
SCALEPACK   .     ?                package 'Zbyszek Otwinowski' zbyszek@mix.swmed.edu       'data scaling'    
http://www.lnls.br/infra/linhasluz/denzo-hkl.htm ?          ? 2 
PHASER      .     ?                other   'R. J. Read'         cimr-phaser@lists.cam.ac.uk phasing           
http://www-structmed.cimr.cam.ac.uk/phaser/      ?          ? 3 
REFMAC      .     ?                program 'Murshudov, G.N.'    ccp4@dl.ac.uk               refinement        
http://www.ccp4.ac.uk/main.html                  Fortran_77 ? 4 
PDB_EXTRACT 2.000 'April. 3, 2006' package PDB                  sw-help@rcsb.rutgers.edu    'data extraction' 
http://pdb.rutgers.edu/software/                 C++        ? 5 
# 
_cell.length_a           16.760 
_cell.length_b           41.134 
_cell.length_c           4.789 
_cell.angle_alpha        90.000 
_cell.angle_beta         90.000 
_cell.angle_gamma        90.000 
_cell.entry_id           2ONV 
_cell.pdbx_unique_axis   ? 
_cell.Z_PDB              4 
_cell.length_a_esd       ? 
_cell.length_b_esd       ? 
_cell.length_c_esd       ? 
_cell.angle_alpha_esd    ? 
_cell.angle_beta_esd     ? 
_cell.angle_gamma_esd    ? 
# 
_symmetry.space_group_name_H-M             'P 21 21 2' 
_symmetry.entry_id                         2ONV 
_symmetry.Int_Tables_number                18 
_symmetry.pdbx_full_space_group_name_H-M   ? 
_symmetry.cell_setting                     ? 
_symmetry.space_group_name_Hall            ? 
# 
_exptl.crystals_number   1 
_exptl.entry_id          2ONV 
_exptl.method            'X-RAY DIFFRACTION' 
# 
_exptl_crystal.id                    1 
_exptl_crystal.density_Matthews      1.60 
_exptl_crystal.density_meas          ? 
_exptl_crystal.density_percent_sol   23.31 
_exptl_crystal.description           ? 
_exptl_crystal.F_000                 ? 
_exptl_crystal.preparation           ? 
# 
_exptl_crystal_grow.crystal_id      1 
_exptl_crystal_grow.method          'VAPOR DIFFUSION, HANGING DROP' 
_exptl_crystal_grow.pH              ? 
_exptl_crystal_grow.temp            291 
_exptl_crystal_grow.temp_details    ? 
_exptl_crystal_grow.pdbx_details    
;Peptide concentration: 15.0 mg/ml, Peptide:reservoir:additive ratio 5:4:1, Reservoir: 2.0M Ammonium sulfate, Additive: 3.0% 0.1M hexamine cobalt (III) chloride , VAPOR DIFFUSION, HANGING DROP, temperature 291K
;
_exptl_crystal_grow.pdbx_pH_range   . 
# 
_diffrn.id                     1 
_diffrn.ambient_temp           100 
_diffrn.ambient_temp_details   ? 
_diffrn.crystal_id             1 
# 
_diffrn_detector.diffrn_id              1 
_diffrn_detector.detector               CCD 
_diffrn_detector.type                   'MAR CCD 165 mm' 
_diffrn_detector.pdbx_collection_date   2005-12-17 
_diffrn_detector.details                ? 
# 
_diffrn_radiation.diffrn_id                        1 
_diffrn_radiation.wavelength_id                    1 
_diffrn_radiation.pdbx_diffrn_protocol             'SINGLE WAVELENGTH' 
_diffrn_radiation.monochromator                    ? 
_diffrn_radiation.pdbx_monochromatic_or_laue_m_l   M 
_diffrn_radiation.pdbx_scattering_type             x-ray 
# 
_diffrn_radiation_wavelength.id           1 
_diffrn_radiation_wavelength.wavelength   0.9466 
_diffrn_radiation_wavelength.wt           1.0 
# 
_diffrn_source.diffrn_id                   1 
_diffrn_source.source                      SYNCHROTRON 
_diffrn_source.type                        'ESRF BEAMLINE ID13' 
_diffrn_source.pdbx_wavelength             0.9466 
_diffrn_source.pdbx_wavelength_list        ? 
_diffrn_source.pdbx_synchrotron_site       ESRF 
_diffrn_source.pdbx_synchrotron_beamline   ID13 
# 
_reflns.entry_id                     2ONV 
_reflns.d_resolution_high            1.600 
_reflns.d_resolution_low             90.000 
_reflns.number_obs                   532 
_reflns.pdbx_Rmerge_I_obs            0.192 
_reflns.pdbx_netI_over_sigmaI        12.600 
_reflns.pdbx_chi_squared             1.085 
_reflns.pdbx_redundancy              4.500 
_reflns.percent_possible_obs         96.700 
_reflns.observed_criterion_sigma_F   ? 
_reflns.observed_criterion_sigma_I   ? 
_reflns.number_all                   ? 
_reflns.pdbx_Rsym_value              ? 
_reflns.B_iso_Wilson_estimate        15.962 
_reflns.R_free_details               ? 
_reflns.limit_h_max                  ? 
_reflns.limit_h_min                  ? 
_reflns.limit_k_max                  ? 
_reflns.limit_k_min                  ? 
_reflns.limit_l_max                  ? 
_reflns.limit_l_min                  ? 
_reflns.observed_criterion_F_max     ? 
_reflns.observed_criterion_F_min     ? 
_reflns.pdbx_scaling_rejects         ? 
_reflns.pdbx_diffrn_id               1 
_reflns.pdbx_ordinal                 1 
# 
_reflns_shell.d_res_high             1.60 
_reflns_shell.d_res_low              1.72 
_reflns_shell.number_measured_obs    ? 
_reflns_shell.number_measured_all    ? 
_reflns_shell.number_unique_obs      ? 
_reflns_shell.Rmerge_I_obs           0.42 
_reflns_shell.meanI_over_sigI_obs    ? 
_reflns_shell.pdbx_Rsym_value        ? 
_reflns_shell.pdbx_chi_squared       1.102 
_reflns_shell.pdbx_redundancy        4.90 
_reflns_shell.percent_possible_obs   ? 
_reflns_shell.number_unique_all      87 
_reflns_shell.percent_possible_all   96.70 
_reflns_shell.pdbx_diffrn_id         ? 
_reflns_shell.pdbx_ordinal           1 
# 
_refine.entry_id                                 2ONV 
_refine.ls_d_res_high                            1.610 
_refine.ls_d_res_low                             20.570 
_refine.pdbx_ls_sigma_F                          0.00 
_refine.ls_percent_reflns_obs                    96.440 
_refine.ls_number_reflns_obs                     515 
_refine.pdbx_ls_cross_valid_method               THROUGHOUT 
_refine.pdbx_R_Free_selection_details            RANDOM 
_refine.details                                  'HYDROGENS HAVE BEEN ADDED IN THE RIDING POSITIONS' 
_refine.ls_R_factor_obs                          0.235 
_refine.ls_R_factor_R_work                       0.228 
_refine.ls_R_factor_R_free                       0.299 
_refine.ls_percent_reflns_R_free                 9.900 
_refine.ls_number_reflns_R_free                  51 
_refine.B_iso_mean                               9.990 
_refine.aniso_B[1][1]                            0.700 
_refine.aniso_B[2][2]                            0.890 
_refine.aniso_B[3][3]                            -1.590 
_refine.aniso_B[1][2]                            0.000 
_refine.aniso_B[1][3]                            0.000 
_refine.aniso_B[2][3]                            0.000 
_refine.correlation_coeff_Fo_to_Fc               0.957 
_refine.correlation_coeff_Fo_to_Fc_free          0.852 
_refine.pdbx_overall_ESU_R                       0.137 
_refine.pdbx_overall_ESU_R_Free                  0.146 
_refine.overall_SU_ML                            0.136 
_refine.overall_SU_B                             4.479 
_refine.solvent_model_details                    MASK 
_refine.pdbx_solvent_vdw_probe_radii             1.400 
_refine.pdbx_solvent_ion_probe_radii             0.800 
_refine.pdbx_solvent_shrinkage_radii             0.800 
_refine.pdbx_stereochemistry_target_values       'MAXIMUM LIKELIHOOD' 
_refine.pdbx_ls_sigma_I                          ? 
_refine.ls_number_reflns_all                     ? 
_refine.ls_R_factor_all                          ? 
_refine.ls_redundancy_reflns_obs                 ? 
_refine.pdbx_data_cutoff_high_absF               ? 
_refine.pdbx_data_cutoff_low_absF                ? 
_refine.ls_number_parameters                     ? 
_refine.ls_number_restraints                     ? 
_refine.ls_R_factor_R_free_error                 ? 
_refine.ls_R_factor_R_free_error_details         ? 
_refine.pdbx_method_to_determine_struct          'MOLECULAR REPLACEMENT' 
_refine.pdbx_starting_model                      'Extended beta strand GGVVIA' 
_refine.pdbx_stereochem_target_val_spec_case     ? 
_refine.solvent_model_param_bsol                 ? 
_refine.solvent_model_param_ksol                 ? 
_refine.occupancy_max                            ? 
_refine.occupancy_min                            ? 
_refine.pdbx_isotropic_thermal_model             ? 
_refine.B_iso_min                                ? 
_refine.B_iso_max                                ? 
_refine.overall_SU_R_Cruickshank_DPI             ? 
_refine.overall_SU_R_free                        ? 
_refine.pdbx_data_cutoff_high_rms_absF           ? 
_refine.ls_wR_factor_R_free                      ? 
_refine.ls_wR_factor_R_work                      ? 
_refine.overall_FOM_free_R_set                   ? 
_refine.overall_FOM_work_R_set                   ? 
_refine.pdbx_refine_id                           'X-RAY DIFFRACTION' 
_refine.pdbx_diffrn_id                           1 
_refine.pdbx_TLS_residual_ADP_flag               ? 
_refine.pdbx_overall_phase_error                 ? 
_refine.pdbx_overall_SU_R_free_Cruickshank_DPI   ? 
_refine.pdbx_overall_SU_R_Blow_DPI               ? 
_refine.pdbx_overall_SU_R_free_Blow_DPI          ? 
# 
_refine_hist.pdbx_refine_id                   'X-RAY DIFFRACTION' 
_refine_hist.cycle_id                         LAST 
_refine_hist.pdbx_number_atoms_protein        36 
_refine_hist.pdbx_number_atoms_nucleic_acid   0 
_refine_hist.pdbx_number_atoms_ligand         0 
_refine_hist.number_atoms_solvent             3 
_refine_hist.number_atoms_total               39 
_refine_hist.d_res_high                       1.610 
_refine_hist.d_res_low                        20.570 
# 
loop_
_refine_ls_restr.type 
_refine_ls_restr.number 
_refine_ls_restr.dev_ideal 
_refine_ls_restr.dev_ideal_target 
_refine_ls_restr.weight 
_refine_ls_restr.pdbx_refine_id 
_refine_ls_restr.pdbx_restraint_function 
r_bond_refined_d         35 0.012 0.023  ? 'X-RAY DIFFRACTION' ? 
r_bond_other_d           18 0.002 0.020  ? 'X-RAY DIFFRACTION' ? 
r_angle_refined_deg      47 1.859 2.040  ? 'X-RAY DIFFRACTION' ? 
r_angle_other_deg        46 1.041 3.000  ? 'X-RAY DIFFRACTION' ? 
r_dihedral_angle_1_deg   5  8.031 5.000  ? 'X-RAY DIFFRACTION' ? 
r_dihedral_angle_3_deg   4  1.738 15.000 ? 'X-RAY DIFFRACTION' ? 
r_chiral_restr           7  0.084 0.200  ? 'X-RAY DIFFRACTION' ? 
r_gen_planes_refined     39 0.004 0.020  ? 'X-RAY DIFFRACTION' ? 
r_gen_planes_other       5  0.000 0.020  ? 'X-RAY DIFFRACTION' ? 
r_nbd_refined            1  0.026 0.200  ? 'X-RAY DIFFRACTION' ? 
r_nbd_other              12 0.182 0.200  ? 'X-RAY DIFFRACTION' ? 
r_nbtor_refined          17 0.158 0.200  ? 'X-RAY DIFFRACTION' ? 
r_nbtor_other            19 0.078 0.200  ? 'X-RAY DIFFRACTION' ? 
r_xyhbond_nbd_refined    2  0.352 0.200  ? 'X-RAY DIFFRACTION' ? 
r_symmetry_vdw_refined   4  0.160 0.200  ? 'X-RAY DIFFRACTION' ? 
r_symmetry_vdw_other     8  0.273 0.200  ? 'X-RAY DIFFRACTION' ? 
r_symmetry_hbond_refined 3  0.148 0.200  ? 'X-RAY DIFFRACTION' ? 
r_mcbond_it              35 1.388 1.500  ? 'X-RAY DIFFRACTION' ? 
r_mcbond_other           13 0.137 1.500  ? 'X-RAY DIFFRACTION' ? 
r_mcangle_it             43 1.773 2.000  ? 'X-RAY DIFFRACTION' ? 
r_scbond_it              7  0.651 3.000  ? 'X-RAY DIFFRACTION' ? 
r_scangle_it             4  0.890 4.500  ? 'X-RAY DIFFRACTION' ? 
# 
_refine_ls_shell.d_res_high                       1.610 
_refine_ls_shell.d_res_low                        1.653 
_refine_ls_shell.pdbx_total_number_of_bins_used   20 
_refine_ls_shell.percent_reflns_obs               88.460 
_refine_ls_shell.number_reflns_R_work             22 
_refine_ls_shell.R_factor_all                     ? 
_refine_ls_shell.R_factor_R_work                  0.324 
_refine_ls_shell.R_factor_R_free                  0.007 
_refine_ls_shell.percent_reflns_R_free            ? 
_refine_ls_shell.number_reflns_R_free             1 
_refine_ls_shell.R_factor_R_free_error            ? 
_refine_ls_shell.number_reflns_all                ? 
_refine_ls_shell.number_reflns_obs                23 
_refine_ls_shell.redundancy_reflns_obs            ? 
_refine_ls_shell.pdbx_refine_id                   'X-RAY DIFFRACTION' 
# 
_struct.entry_id                  2ONV 
_struct.title                     
;Crystal Structure of the amyloid-fibril forming peptide GGVVIA derived from the Alzheimer's amyloid Abeta (Abeta37-42).
;
_struct.pdbx_model_details        ? 
_struct.pdbx_CASP_flag            ? 
_struct.pdbx_model_type_details   ? 
# 
_struct_keywords.entry_id        2ONV 
_struct_keywords.pdbx_keywords   'PROTEIN FIBRIL' 
_struct_keywords.text            'steric zipper, beta sheets, PROTEIN FIBRIL' 
# 
loop_
_struct_asym.id 
_struct_asym.pdbx_blank_PDB_chainid_flag 
_struct_asym.pdbx_modified 
_struct_asym.entity_id 
_struct_asym.details 
A N N 1 ? 
B N N 2 ? 
# 
_struct_ref.id                         1 
_struct_ref.entity_id                  1 
_struct_ref.db_name                    PDB 
_struct_ref.db_code                    2ONV 
_struct_ref.pdbx_db_accession          2ONV 
_struct_ref.pdbx_db_isoform            ? 
_struct_ref.pdbx_seq_one_letter_code   ? 
_struct_ref.pdbx_align_begin           ? 
# 
_struct_ref_seq.align_id                      1 
_struct_ref_seq.ref_id                        1 
_struct_ref_seq.pdbx_PDB_id_code              2ONV 
_struct_ref_seq.pdbx_strand_id                A 
_struct_ref_seq.seq_align_beg                 1 
_struct_ref_seq.pdbx_seq_align_beg_ins_code   ? 
_struct_ref_seq.seq_align_end                 6 
_struct_ref_seq.pdbx_seq_align_end_ins_code   ? 
_struct_ref_seq.pdbx_db_accession             2ONV 
_struct_ref_seq.db_align_beg                  1 
_struct_ref_seq.pdbx_db_align_beg_ins_code    ? 
_struct_ref_seq.db_align_end                  6 
_struct_ref_seq.pdbx_db_align_end_ins_code    ? 
_struct_ref_seq.pdbx_auth_seq_align_beg       1 
_struct_ref_seq.pdbx_auth_seq_align_end       6 
# 
_pdbx_struct_assembly.id                   1 
_pdbx_struct_assembly.details              author_defined_assembly 
_pdbx_struct_assembly.method_details       ? 
_pdbx_struct_assembly.oligomeric_details   tetrameric 
_pdbx_struct_assembly.oligomeric_count     4 
# 
_pdbx_struct_assembly_gen.assembly_id       1 
_pdbx_struct_assembly_gen.oper_expression   1,2,3,4 
_pdbx_struct_assembly_gen.asym_id_list      A,B 
# 
loop_
_pdbx_struct_oper_list.id 
_pdbx_struct_oper_list.type 
_pdbx_struct_oper_list.name 
_pdbx_struct_oper_list.symmetry_operation 
_pdbx_struct_oper_list.matrix[1][1] 
_pdbx_struct_oper_list.matrix[1][2] 
_pdbx_struct_oper_list.matrix[1][3] 
_pdbx_struct_oper_list.vector[1] 
_pdbx_struct_oper_list.matrix[2][1] 
_pdbx_struct_oper_list.matrix[2][2] 
_pdbx_struct_oper_list.matrix[2][3] 
_pdbx_struct_oper_list.vector[2] 
_pdbx_struct_oper_list.matrix[3][1] 
_pdbx_struct_oper_list.matrix[3][2] 
_pdbx_struct_oper_list.matrix[3][3] 
_pdbx_struct_oper_list.vector[3] 
1 'identity operation'         1_555 x,y,z             1.0000000000  0.0000000000  0.0000000000 0.0000000000  0.0000000000  1.0000000000  0.0000000000  0.0000000000  0.0000000000 0.0000000000  1.0000000000  0.0000000000 
2 'crystal symmetry operation' 1_556 x,y,z+1           1.0000000000  0.0000000000  0.0000000000 -0.7161371786 0.0000000000  1.0000000000  0.0000000000  3.5428721601  0.0000000000 0.0000000000  1.0000000000  3.1416119109 
3 'crystal symmetry operation' 4_555 x+1/2,-y+1/2,-z   -0.3831360824 -0.5399013474 0.7494753348 6.7954940037  -0.5399013474 -0.5274590446 -0.6559675993 -4.8867336007 0.7494753348 -0.6559675993 -0.0894048730 3.3059040897 
4 'crystal symmetry operation' 4_556 x+1/2,-y+1/2,-z+1 -0.3831360824 -0.5399013474 0.7494753348 6.0793568251  -0.5399013474 -0.5274590446 -0.6559675993 -1.3438614406 0.7494753348 -0.6559675993 -0.0894048730 6.4475160006 
# 
_struct_biol.id                    1 
_struct_biol.details               
;The biological unit is a pair of sheets. Beta strands within the sheet are generated by unit cell translations along the z-axis. The second sheet in the pair of sheets is generated by applying the symmetry operator x+1/2, -y+1/2, -z. Within the second sheet also, beta strands are generated by unit cell translations along the z-axis.
;
_struct_biol.pdbx_parent_biol_id   ? 
# 
loop_
_chem_comp_atom.comp_id 
_chem_comp_atom.atom_id 
_chem_comp_atom.type_symbol 
_chem_comp_atom.pdbx_aromatic_flag 
_chem_comp_atom.pdbx_stereo_config 
_chem_comp_atom.pdbx_ordinal 
ALA N    N N N 1  
ALA CA   C N S 2  
ALA C    C N N 3  
ALA O    O N N 4  
ALA CB   C N N 5  
ALA OXT  O N N 6  
ALA H    H N N 7  
ALA H2   H N N 8  
ALA HA   H N N 9  
ALA HB1  H N N 10 
ALA HB2  H N N 11 
ALA HB3  H N N 12 
ALA HXT  H N N 13 
GLY N    N N N 14 
GLY CA   C N N 15 
GLY C    C N N 16 
GLY O    O N N 17 
GLY OXT  O N N 18 
GLY H    H N N 19 
GLY H2   H N N 20 
GLY HA2  H N N 21 
GLY HA3  H N N 22 
GLY HXT  H N N 23 
HOH O    O N N 24 
HOH H1   H N N 25 
HOH H2   H N N 26 
ILE N    N N N 27 
ILE CA   C N S 28 
ILE C    C N N 29 
ILE O    O N N 30 
ILE CB   C N S 31 
ILE CG1  C N N 32 
ILE CG2  C N N 33 
ILE CD1  C N N 34 
ILE OXT  O N N 35 
ILE H    H N N 36 
ILE H2   H N N 37 
ILE HA   H N N 38 
ILE HB   H N N 39 
ILE HG12 H N N 40 
ILE HG13 H N N 41 
ILE HG21 H N N 42 
ILE HG22 H N N 43 
ILE HG23 H N N 44 
ILE HD11 H N N 45 
ILE HD12 H N N 46 
ILE HD13 H N N 47 
ILE HXT  H N N 48 
VAL N    N N N 49 
VAL CA   C N S 50 
VAL C    C N N 51 
VAL O    O N N 52 
VAL CB   C N N 53 
VAL CG1  C N N 54 
VAL CG2  C N N 55 
VAL OXT  O N N 56 
VAL H    H N N 57 
VAL H2   H N N 58 
VAL HA   H N N 59 
VAL HB   H N N 60 
VAL HG11 H N N 61 
VAL HG12 H N N 62 
VAL HG13 H N N 63 
VAL HG21 H N N 64 
VAL HG22 H N N 65 
VAL HG23 H N N 66 
VAL HXT  H N N 67 
# 
loop_
_chem_comp_bond.comp_id 
_chem_comp_bond.atom_id_1 
_chem_comp_bond.atom_id_2 
_chem_comp_bond.value_order 
_chem_comp_bond.pdbx_aromatic_flag 
_chem_comp_bond.pdbx_stereo_config 
_chem_comp_bond.pdbx_ordinal 
ALA N   CA   sing N N 1  
ALA N   H    sing N N 2  
ALA N   H2   sing N N 3  
ALA CA  C    sing N N 4  
ALA CA  CB   sing N N 5  
ALA CA  HA   sing N N 6  
ALA C   O    doub N N 7  
ALA C   OXT  sing N N 8  
ALA CB  HB1  sing N N 9  
ALA CB  HB2  sing N N 10 
ALA CB  HB3  sing N N 11 
ALA OXT HXT  sing N N 12 
GLY N   CA   sing N N 13 
GLY N   H    sing N N 14 
GLY N   H2   sing N N 15 
GLY CA  C    sing N N 16 
GLY CA  HA2  sing N N 17 
GLY CA  HA3  sing N N 18 
GLY C   O    doub N N 19 
GLY C   OXT  sing N N 20 
GLY OXT HXT  sing N N 21 
HOH O   H1   sing N N 22 
HOH O   H2   sing N N 23 
ILE N   CA   sing N N 24 
ILE N   H    sing N N 25 
ILE N   H2   sing N N 26 
ILE CA  C    sing N N 27 
ILE CA  CB   sing N N 28 
ILE CA  HA   sing N N 29 
ILE C   O    doub N N 30 
ILE C   OXT  sing N N 31 
ILE CB  CG1  sing N N 32 
ILE CB  CG2  sing N N 33 
ILE CB  HB   sing N N 34 
ILE CG1 CD1  sing N N 35 
ILE CG1 HG12 sing N N 36 
ILE CG1 HG13 sing N N 37 
ILE CG2 HG21 sing N N 38 
ILE CG2 HG22 sing N N 39 
ILE CG2 HG23 sing N N 40 
ILE CD1 HD11 sing N N 41 
ILE CD1 HD12 sing N N 42 
ILE CD1 HD13 sing N N 43 
ILE OXT HXT  sing N N 44 
VAL N   CA   sing N N 45 
VAL N   H    sing N N 46 
VAL N   H2   sing N N 47 
VAL CA  C    sing N N 48 
VAL CA  CB   sing N N 49 
VAL CA  HA   sing N N 50 
VAL C   O    doub N N 51 
VAL C   OXT  sing N N 52 
VAL CB  CG1  sing N N 53 
VAL CB  CG2  sing N N 54 
VAL CB  HB   sing N N 55 
VAL CG1 HG11 sing N N 56 
VAL CG1 HG12 sing N N 57 
VAL CG1 HG13 sing N N 58 
VAL CG2 HG21 sing N N 59 
VAL CG2 HG22 sing N N 60 
VAL CG2 HG23 sing N N 61 
VAL OXT HXT  sing N N 62 
# 
_pdbx_initial_refinement_model.accession_code   ? 
_pdbx_initial_refinement_model.id               1 
_pdbx_initial_refinement_model.entity_id_list   ? 
_pdbx_initial_refinement_model.type             'in silico model' 
_pdbx_initial_refinement_model.source_name      Other 
_pdbx_initial_refinement_model.details          'geometrically idealized b-strands' 
# 
_atom_sites.entry_id                    2ONV 
_atom_sites.fract_transf_matrix[1][1]   0.03313650 
_atom_sites.fract_transf_matrix[1][2]   -0.02900225 
_atom_sites.fract_transf_matrix[1][3]   0.04026008 
_atom_sites.fract_transf_matrix[2][1]   0.01988762 
_atom_sites.fract_transf_matrix[2][2]   0.01131010 
_atom_sites.fract_transf_matrix[2][3]   -0.00822125 
_atom_sites.fract_transf_matrix[3][1]   -0.03122532 
_atom_sites.fract_transf_matrix[3][2]   0.15447781 
_atom_sites.fract_transf_matrix[3][3]   0.13698189 
_atom_sites.fract_transf_vector[1]      0.126721 
_atom_sites.fract_transf_vector[2]      0.223653 
_atom_sites.fract_transf_vector[3]      0.257117 
# 
loop_
_atom_type.symbol 
C 
N 
O 
# 
loop_
_atom_site.group_PDB 
_atom_site.id 
_atom_site.type_symbol 
_atom_site.label_atom_id 
_atom_site.label_alt_id 
_atom_site.label_comp_id 
_atom_site.label_asym_id 
_atom_site.label_entity_id 
_atom_site.label_seq_id 
_atom_site.pdbx_PDB_ins_code 
_atom_site.Cartn_x 
_atom_site.Cartn_y 
_atom_site.Cartn_z 
_atom_site.occupancy 
_atom_site.B_iso_or_equiv 
_atom_site.pdbx_formal_charge 
_atom_site.auth_seq_id 
_atom_site.auth_comp_id 
_atom_site.auth_asym_id 
_atom_site.auth_atom_id 
_atom_site.pdbx_PDB_model_num 
ATOM   1  N N   . GLY A 1 1 ? -5.424 -5.547 5.394  1.00 18.56 ? 1  GLY A N   1 
ATOM   2  C CA  . GLY A 1 1 ? -5.596 -5.049 3.982  1.00 17.31 ? 1  GLY A CA  1 
ATOM   3  C C   . GLY A 1 1 ? -4.906 -3.728 3.743  1.00 16.09 ? 1  GLY A C   1 
ATOM   4  O O   . GLY A 1 1 ? -4.937 -2.860 4.588  1.00 16.40 ? 1  GLY A O   1 
ATOM   5  N N   . GLY A 1 2 ? -4.294 -3.550 2.582  1.00 15.02 ? 2  GLY A N   1 
ATOM   6  C CA  . GLY A 1 2 ? -3.699 -2.272 2.306  1.00 14.02 ? 2  GLY A CA  1 
ATOM   7  C C   . GLY A 1 2 ? -3.124 -2.001 0.945  1.00 12.72 ? 2  GLY A C   1 
ATOM   8  O O   . GLY A 1 2 ? -3.036 -2.891 0.087  1.00 12.12 ? 2  GLY A O   1 
ATOM   9  N N   . VAL A 1 3 ? -2.727 -0.744 0.777  1.00 12.11 ? 3  VAL A N   1 
ATOM   10 C CA  . VAL A 1 3 ? -2.092 -0.269 -0.447 1.00 11.77 ? 3  VAL A CA  1 
ATOM   11 C C   . VAL A 1 3 ? -0.851 0.496  -0.067 1.00 11.03 ? 3  VAL A C   1 
ATOM   12 O O   . VAL A 1 3 ? -0.904 1.326  0.812  1.00 10.12 ? 3  VAL A O   1 
ATOM   13 C CB  . VAL A 1 3 ? -3.041 0.645  -1.261 1.00 11.80 ? 3  VAL A CB  1 
ATOM   14 C CG1 . VAL A 1 3 ? -2.329 1.194  -2.482 1.00 13.07 ? 3  VAL A CG1 1 
ATOM   15 C CG2 . VAL A 1 3 ? -4.265 -0.124 -1.682 1.00 11.62 ? 3  VAL A CG2 1 
ATOM   16 N N   . VAL A 1 4 ? 0.256  0.208  -0.732 1.00 11.08 ? 4  VAL A N   1 
ATOM   17 C CA  . VAL A 1 4 ? 1.511  0.939  -0.539 1.00 11.44 ? 4  VAL A CA  1 
ATOM   18 C C   . VAL A 1 4 ? 2.043  1.371  -1.903 1.00 11.61 ? 4  VAL A C   1 
ATOM   19 O O   . VAL A 1 4 ? 2.212  0.540  -2.783 1.00 11.10 ? 4  VAL A O   1 
ATOM   20 C CB  . VAL A 1 4 ? 2.607  0.061  0.120  1.00 11.07 ? 4  VAL A CB  1 
ATOM   21 C CG1 . VAL A 1 4 ? 3.903  0.817  0.198  1.00 11.04 ? 4  VAL A CG1 1 
ATOM   22 C CG2 . VAL A 1 4 ? 2.170  -0.411 1.480  1.00 10.05 ? 4  VAL A CG2 1 
ATOM   23 N N   . ILE A 1 5 ? 2.295  2.671  -2.062 1.00 12.73 ? 5  ILE A N   1 
ATOM   24 C CA  . ILE A 1 5 ? 3.096  3.184  -3.165 1.00 13.44 ? 5  ILE A CA  1 
ATOM   25 C C   . ILE A 1 5 ? 4.380  3.761  -2.551 1.00 13.70 ? 5  ILE A C   1 
ATOM   26 O O   . ILE A 1 5 ? 4.335  4.740  -1.832 1.00 12.38 ? 5  ILE A O   1 
ATOM   27 C CB  . ILE A 1 5 ? 2.345  4.226  -4.034 1.00 13.51 ? 5  ILE A CB  1 
ATOM   28 C CG1 . ILE A 1 5 ? 1.039  3.645  -4.584 1.00 13.74 ? 5  ILE A CG1 1 
ATOM   29 C CG2 . ILE A 1 5 ? 3.243  4.658  -5.209 1.00 13.55 ? 5  ILE A CG2 1 
ATOM   30 C CD1 . ILE A 1 5 ? 0.249  4.633  -5.451 1.00 13.28 ? 5  ILE A CD1 1 
ATOM   31 N N   . ALA A 1 6 ? 5.510  3.099  -2.790 1.00 15.80 ? 6  ALA A N   1 
ATOM   32 C CA  . ALA A 1 6 ? 6.780  3.467  -2.137 1.00 17.00 ? 6  ALA A CA  1 
ATOM   33 C C   . ALA A 1 6 ? 8.006  3.253  -3.018 1.00 19.11 ? 6  ALA A C   1 
ATOM   34 O O   . ALA A 1 6 ? 9.120  3.127  -2.503 1.00 21.56 ? 6  ALA A O   1 
ATOM   35 C CB  . ALA A 1 6 ? 6.951  2.700  -0.827 1.00 17.80 ? 6  ALA A CB  1 
ATOM   36 O OXT . ALA A 1 6 ? 7.981  3.228  -4.249 1.00 21.05 ? 6  ALA A OXT 1 
HETATM 37 O O   . HOH B 2 . ? 7.024  3.761  -7.170 1.00 33.62 ? 10 HOH A O   1 
HETATM 38 O O   . HOH B 2 . ? 11.422 2.246  0.279  1.00 39.76 ? 11 HOH A O   1 
HETATM 39 O O   . HOH B 2 . ? 10.507 1.147  -1.462 1.00 49.35 ? 12 HOH A O   1 
# 
